data_2VYI
#
_entry.id   2VYI
#
_cell.length_a   67.823
_cell.length_b   81.939
_cell.length_c   55.923
_cell.angle_alpha   90.00
_cell.angle_beta   90.00
_cell.angle_gamma   90.00
#
_symmetry.space_group_name_H-M   'P 21 21 2'
#
loop_
_entity.id
_entity.type
_entity.pdbx_description
1 polymer 'SGTA PROTEIN'
2 water water
#
_entity_poly.entity_id   1
_entity_poly.type   'polypeptide(L)'
_entity_poly.pdbx_seq_one_letter_code
;GPLGSEEDSAEAERLKTEGNEQMKVENFEAAVHFYGKAIELNPANAVYFCNRAAAYSKLGNYAGAVQDCERAICIDPAYS
KAYGRMGLALSSLNKHVEAVAYYKKALELDPDNETYKSNLKIAELKLREAP
;
_entity_poly.pdbx_strand_id   A,B
#
# COMPACT_ATOMS: atom_id res chain seq x y z
N GLY A 1 11.12 22.63 -10.55
CA GLY A 1 9.82 22.90 -11.24
C GLY A 1 8.64 22.85 -10.29
N PRO A 2 7.41 22.66 -10.82
CA PRO A 2 6.20 22.60 -10.00
C PRO A 2 6.25 21.53 -8.91
N LEU A 3 7.03 20.48 -9.15
CA LEU A 3 7.16 19.40 -8.19
C LEU A 3 8.49 19.48 -7.43
N GLU A 7 12.38 10.94 -11.65
CA GLU A 7 12.91 11.80 -10.59
C GLU A 7 12.21 11.50 -9.26
N ASP A 8 12.88 11.87 -8.17
CA ASP A 8 12.36 11.63 -6.83
C ASP A 8 11.09 12.40 -6.50
N SER A 9 11.01 13.64 -6.94
CA SER A 9 9.81 14.42 -6.67
C SER A 9 8.62 13.88 -7.43
N ALA A 10 8.88 13.36 -8.64
CA ALA A 10 7.83 12.80 -9.47
C ALA A 10 7.29 11.51 -8.84
N GLU A 11 8.20 10.62 -8.48
CA GLU A 11 7.81 9.35 -7.88
C GLU A 11 7.08 9.59 -6.54
N ALA A 12 7.51 10.63 -5.82
CA ALA A 12 6.89 10.96 -4.53
C ALA A 12 5.41 11.28 -4.68
N GLU A 13 5.06 12.06 -5.71
CA GLU A 13 3.66 12.40 -5.95
C GLU A 13 2.85 11.16 -6.30
N ARG A 14 3.45 10.26 -7.07
CA ARG A 14 2.76 9.04 -7.46
C ARG A 14 2.45 8.19 -6.22
N LEU A 15 3.40 8.14 -5.29
CA LEU A 15 3.21 7.38 -4.06
C LEU A 15 2.12 8.06 -3.22
N LYS A 16 2.15 9.39 -3.17
CA LYS A 16 1.15 10.15 -2.42
C LYS A 16 -0.22 9.88 -3.01
N THR A 17 -0.29 9.88 -4.34
CA THR A 17 -1.56 9.63 -5.02
C THR A 17 -2.10 8.26 -4.61
N GLU A 18 -1.23 7.26 -4.59
CA GLU A 18 -1.63 5.91 -4.21
C GLU A 18 -2.11 5.96 -2.78
N GLY A 19 -1.41 6.74 -1.96
CA GLY A 19 -1.80 6.88 -0.57
C GLY A 19 -3.23 7.38 -0.49
N ASN A 20 -3.54 8.41 -1.28
CA ASN A 20 -4.88 8.95 -1.28
C ASN A 20 -5.90 7.88 -1.69
N GLU A 21 -5.55 7.06 -2.68
CA GLU A 21 -6.42 5.98 -3.14
C GLU A 21 -6.71 4.99 -2.02
N GLN A 22 -5.70 4.73 -1.20
CA GLN A 22 -5.84 3.80 -0.09
C GLN A 22 -6.79 4.38 0.96
N MET A 23 -6.70 5.69 1.17
CA MET A 23 -7.56 6.36 2.13
C MET A 23 -9.02 6.17 1.73
N LYS A 24 -9.29 6.32 0.44
CA LYS A 24 -10.64 6.18 -0.09
C LYS A 24 -11.29 4.83 0.21
N VAL A 25 -10.50 3.76 0.25
CA VAL A 25 -11.04 2.44 0.55
C VAL A 25 -10.77 2.09 2.00
N GLU A 26 -10.46 3.11 2.79
CA GLU A 26 -10.21 2.94 4.21
C GLU A 26 -9.08 2.00 4.61
N ASN A 27 -8.09 1.84 3.76
CA ASN A 27 -6.95 1.01 4.12
C ASN A 27 -5.91 2.02 4.61
N PHE A 28 -6.07 2.43 5.87
CA PHE A 28 -5.21 3.42 6.47
C PHE A 28 -3.77 2.97 6.74
N GLU A 29 -3.57 1.68 6.91
CA GLU A 29 -2.22 1.17 7.15
C GLU A 29 -1.44 1.33 5.84
N ALA A 30 -2.08 0.97 4.73
CA ALA A 30 -1.44 1.10 3.43
C ALA A 30 -1.18 2.59 3.12
N ALA A 31 -2.16 3.43 3.42
CA ALA A 31 -2.04 4.87 3.20
C ALA A 31 -0.83 5.44 3.94
N VAL A 32 -0.69 5.03 5.20
CA VAL A 32 0.44 5.48 6.02
C VAL A 32 1.74 5.06 5.35
N HIS A 33 1.76 3.85 4.79
CA HIS A 33 2.97 3.36 4.14
C HIS A 33 3.34 4.20 2.91
N PHE A 34 2.38 4.46 2.03
CA PHE A 34 2.67 5.24 0.83
C PHE A 34 3.07 6.69 1.12
N TYR A 35 2.40 7.33 2.07
CA TYR A 35 2.78 8.71 2.39
C TYR A 35 4.18 8.67 2.96
N GLY A 36 4.50 7.63 3.72
CA GLY A 36 5.82 7.50 4.30
C GLY A 36 6.87 7.42 3.20
N LYS A 37 6.56 6.67 2.14
CA LYS A 37 7.48 6.53 1.02
C LYS A 37 7.64 7.86 0.29
N ALA A 38 6.55 8.60 0.16
CA ALA A 38 6.59 9.90 -0.51
C ALA A 38 7.48 10.85 0.27
N ILE A 39 7.40 10.76 1.60
CA ILE A 39 8.20 11.59 2.49
C ILE A 39 9.69 11.27 2.39
N GLU A 40 10.01 9.99 2.19
CA GLU A 40 11.41 9.59 2.07
C GLU A 40 12.04 10.22 0.83
N LEU A 41 11.26 10.33 -0.24
CA LEU A 41 11.73 10.91 -1.49
C LEU A 41 11.73 12.43 -1.50
N ASN A 42 10.68 13.04 -0.98
CA ASN A 42 10.56 14.50 -0.94
C ASN A 42 9.86 14.95 0.35
N PRO A 43 10.63 15.11 1.43
CA PRO A 43 10.07 15.54 2.73
C PRO A 43 9.75 17.03 2.83
N ALA A 44 9.89 17.76 1.72
CA ALA A 44 9.61 19.18 1.72
C ALA A 44 8.20 19.52 1.27
N ASN A 45 7.32 18.52 1.24
CA ASN A 45 5.95 18.76 0.86
C ASN A 45 5.07 18.55 2.08
N ALA A 46 4.50 19.65 2.58
CA ALA A 46 3.65 19.61 3.77
C ALA A 46 2.45 18.68 3.64
N VAL A 47 1.93 18.55 2.42
CA VAL A 47 0.78 17.69 2.15
C VAL A 47 0.97 16.24 2.60
N TYR A 48 2.17 15.69 2.37
CA TYR A 48 2.44 14.30 2.73
C TYR A 48 2.27 14.06 4.23
N PHE A 49 2.74 15.02 5.02
CA PHE A 49 2.66 14.94 6.47
C PHE A 49 1.21 15.09 6.93
N CYS A 50 0.54 16.11 6.39
CA CYS A 50 -0.84 16.37 6.75
C CYS A 50 -1.72 15.17 6.38
N ASN A 51 -1.45 14.56 5.24
CA ASN A 51 -2.24 13.41 4.80
C ASN A 51 -1.94 12.18 5.64
N ARG A 52 -0.69 11.96 6.01
CA ARG A 52 -0.37 10.81 6.84
C ARG A 52 -0.96 11.02 8.24
N ALA A 53 -0.99 12.26 8.72
CA ALA A 53 -1.57 12.53 10.03
C ALA A 53 -3.03 12.06 10.00
N ALA A 54 -3.73 12.33 8.89
CA ALA A 54 -5.13 11.92 8.77
C ALA A 54 -5.25 10.39 8.88
N ALA A 55 -4.34 9.68 8.23
CA ALA A 55 -4.36 8.22 8.28
C ALA A 55 -4.04 7.76 9.70
N TYR A 56 -3.04 8.38 10.31
CA TYR A 56 -2.66 8.05 11.68
C TYR A 56 -3.85 8.21 12.62
N SER A 57 -4.58 9.32 12.50
CA SER A 57 -5.73 9.56 13.35
C SER A 57 -6.80 8.49 13.18
N LYS A 58 -7.05 8.09 11.94
CA LYS A 58 -8.04 7.06 11.64
C LYS A 58 -7.64 5.75 12.33
N LEU A 59 -6.33 5.58 12.50
CA LEU A 59 -5.80 4.38 13.14
C LEU A 59 -5.64 4.49 14.65
N GLY A 60 -5.99 5.64 15.21
CA GLY A 60 -5.88 5.81 16.65
C GLY A 60 -4.51 6.28 17.10
N ASN A 61 -3.60 6.49 16.16
CA ASN A 61 -2.27 6.97 16.51
C ASN A 61 -2.27 8.50 16.47
N TYR A 62 -2.94 9.11 17.43
CA TYR A 62 -3.05 10.56 17.53
C TYR A 62 -1.71 11.24 17.77
N ALA A 63 -0.87 10.64 18.62
CA ALA A 63 0.45 11.20 18.89
C ALA A 63 1.21 11.34 17.57
N GLY A 64 1.14 10.31 16.74
CA GLY A 64 1.82 10.34 15.46
C GLY A 64 1.25 11.43 14.56
N ALA A 65 -0.06 11.62 14.64
CA ALA A 65 -0.73 12.63 13.84
C ALA A 65 -0.26 14.03 14.26
N VAL A 66 -0.15 14.23 15.57
CA VAL A 66 0.29 15.52 16.10
C VAL A 66 1.65 15.89 15.56
N GLN A 67 2.58 14.94 15.58
CA GLN A 67 3.94 15.17 15.09
C GLN A 67 3.97 15.50 13.59
N ASP A 68 3.13 14.84 12.79
CA ASP A 68 3.10 15.13 11.35
C ASP A 68 2.50 16.51 11.08
N CYS A 69 1.49 16.88 11.86
CA CYS A 69 0.86 18.18 11.69
C CYS A 69 1.84 19.30 12.07
N GLU A 70 2.66 19.06 13.09
CA GLU A 70 3.63 20.07 13.50
C GLU A 70 4.59 20.33 12.35
N ARG A 71 5.08 19.23 11.76
CA ARG A 71 6.00 19.33 10.64
C ARG A 71 5.33 20.06 9.46
N ALA A 72 4.10 19.67 9.14
CA ALA A 72 3.36 20.28 8.03
C ALA A 72 3.17 21.78 8.24
N ILE A 73 2.80 22.16 9.46
CA ILE A 73 2.60 23.56 9.78
C ILE A 73 3.91 24.34 9.67
N CYS A 74 5.02 23.72 10.10
CA CYS A 74 6.31 24.40 10.01
C CYS A 74 6.77 24.55 8.58
N ILE A 75 6.41 23.59 7.73
CA ILE A 75 6.77 23.66 6.33
C ILE A 75 5.89 24.72 5.65
N ASP A 76 4.59 24.69 5.97
CA ASP A 76 3.63 25.63 5.43
C ASP A 76 2.69 26.16 6.52
N PRO A 77 3.05 27.32 7.12
CA PRO A 77 2.30 27.98 8.20
C PRO A 77 0.88 28.42 7.83
N ALA A 78 0.60 28.50 6.54
CA ALA A 78 -0.72 28.90 6.06
C ALA A 78 -1.53 27.69 5.61
N TYR A 79 -1.10 26.50 6.01
CA TYR A 79 -1.77 25.25 5.66
C TYR A 79 -2.87 25.03 6.69
N SER A 80 -4.06 25.57 6.40
CA SER A 80 -5.20 25.48 7.32
C SER A 80 -5.61 24.05 7.68
N LYS A 81 -5.55 23.15 6.72
CA LYS A 81 -5.94 21.77 6.96
C LYS A 81 -5.06 21.09 8.02
N ALA A 82 -3.79 21.47 8.07
CA ALA A 82 -2.87 20.90 9.06
C ALA A 82 -3.23 21.35 10.48
N TYR A 83 -3.72 22.59 10.60
CA TYR A 83 -4.12 23.12 11.90
C TYR A 83 -5.41 22.42 12.32
N GLY A 84 -6.29 22.18 11.34
CA GLY A 84 -7.54 21.52 11.62
C GLY A 84 -7.33 20.10 12.10
N ARG A 85 -6.47 19.36 11.41
CA ARG A 85 -6.19 17.99 11.80
C ARG A 85 -5.46 17.96 13.13
N MET A 86 -4.64 18.98 13.39
CA MET A 86 -3.93 19.07 14.66
C MET A 86 -4.96 19.18 15.78
N GLY A 87 -5.99 19.99 15.56
CA GLY A 87 -7.03 20.15 16.56
C GLY A 87 -7.75 18.84 16.84
N LEU A 88 -8.05 18.10 15.78
CA LEU A 88 -8.73 16.83 15.93
C LEU A 88 -7.88 15.83 16.69
N ALA A 89 -6.58 15.78 16.41
CA ALA A 89 -5.70 14.85 17.10
C ALA A 89 -5.57 15.22 18.57
N LEU A 90 -5.30 16.50 18.84
CA LEU A 90 -5.15 16.98 20.21
C LEU A 90 -6.42 16.70 21.00
N SER A 91 -7.56 16.99 20.38
CA SER A 91 -8.85 16.75 21.02
C SER A 91 -8.98 15.28 21.42
N SER A 92 -8.55 14.39 20.52
CA SER A 92 -8.62 12.95 20.77
C SER A 92 -7.67 12.53 21.88
N LEU A 93 -6.70 13.38 22.19
CA LEU A 93 -5.74 13.13 23.25
C LEU A 93 -6.21 13.85 24.51
N ASN A 94 -7.44 14.35 24.45
CA ASN A 94 -8.08 15.07 25.55
C ASN A 94 -7.37 16.38 25.87
N LYS A 95 -6.58 16.87 24.91
CA LYS A 95 -5.88 18.13 25.08
C LYS A 95 -6.76 19.19 24.43
N HIS A 96 -7.90 19.44 25.05
CA HIS A 96 -8.90 20.37 24.53
C HIS A 96 -8.55 21.84 24.50
N VAL A 97 -7.78 22.32 25.48
CA VAL A 97 -7.40 23.72 25.48
C VAL A 97 -6.55 23.98 24.23
N GLU A 98 -5.52 23.16 24.05
CA GLU A 98 -4.63 23.32 22.91
C GLU A 98 -5.38 23.09 21.60
N ALA A 99 -6.34 22.18 21.62
CA ALA A 99 -7.12 21.86 20.42
C ALA A 99 -7.90 23.10 19.98
N VAL A 100 -8.56 23.74 20.93
CA VAL A 100 -9.34 24.94 20.63
C VAL A 100 -8.45 25.97 19.93
N ALA A 101 -7.25 26.16 20.45
CA ALA A 101 -6.32 27.12 19.87
C ALA A 101 -6.07 26.82 18.40
N TYR A 102 -5.84 25.54 18.08
CA TYR A 102 -5.59 25.16 16.70
C TYR A 102 -6.82 25.29 15.80
N TYR A 103 -7.99 24.91 16.31
CA TYR A 103 -9.21 25.04 15.51
C TYR A 103 -9.43 26.50 15.15
N LYS A 104 -9.18 27.39 16.10
CA LYS A 104 -9.36 28.80 15.86
C LYS A 104 -8.44 29.30 14.76
N LYS A 105 -7.17 28.90 14.83
CA LYS A 105 -6.18 29.31 13.82
C LYS A 105 -6.67 28.80 12.47
N ALA A 106 -7.08 27.54 12.45
CA ALA A 106 -7.56 26.90 11.23
C ALA A 106 -8.74 27.66 10.65
N LEU A 107 -9.65 28.10 11.52
CA LEU A 107 -10.82 28.84 11.10
C LEU A 107 -10.47 30.25 10.63
N GLU A 108 -9.45 30.85 11.22
CA GLU A 108 -9.09 32.19 10.78
C GLU A 108 -8.42 32.13 9.42
N LEU A 109 -7.98 30.93 9.02
CA LEU A 109 -7.36 30.72 7.72
C LEU A 109 -8.40 30.24 6.72
N ASP A 110 -9.27 29.33 7.17
CA ASP A 110 -10.33 28.76 6.33
C ASP A 110 -11.68 28.94 7.04
N PRO A 111 -12.15 30.20 7.15
CA PRO A 111 -13.40 30.65 7.79
C PRO A 111 -14.69 29.86 7.52
N ASP A 112 -14.87 29.43 6.28
CA ASP A 112 -16.08 28.69 5.90
C ASP A 112 -16.23 27.32 6.54
N ASN A 113 -15.14 26.56 6.58
CA ASN A 113 -15.12 25.20 7.12
C ASN A 113 -16.02 24.90 8.32
N GLU A 114 -17.09 24.15 8.06
CA GLU A 114 -18.05 23.75 9.08
C GLU A 114 -17.50 22.60 9.92
N THR A 115 -16.53 21.87 9.37
CA THR A 115 -15.93 20.75 10.08
C THR A 115 -15.19 21.30 11.31
N TYR A 116 -14.48 22.41 11.12
CA TYR A 116 -13.72 23.04 12.19
C TYR A 116 -14.65 23.65 13.23
N LYS A 117 -15.70 24.32 12.76
CA LYS A 117 -16.66 24.94 13.66
C LYS A 117 -17.29 23.89 14.58
N SER A 118 -17.66 22.76 14.02
CA SER A 118 -18.27 21.68 14.79
C SER A 118 -17.29 21.12 15.81
N ASN A 119 -16.15 20.64 15.36
CA ASN A 119 -15.18 20.07 16.28
C ASN A 119 -14.65 21.07 17.29
N LEU A 120 -14.72 22.35 16.96
CA LEU A 120 -14.29 23.37 17.90
C LEU A 120 -15.32 23.39 19.03
N LYS A 121 -16.60 23.29 18.68
CA LYS A 121 -17.64 23.30 19.69
C LYS A 121 -17.46 22.08 20.59
N ILE A 122 -17.19 20.93 19.99
CA ILE A 122 -16.99 19.72 20.78
C ILE A 122 -15.84 19.91 21.75
N ALA A 123 -14.74 20.50 21.29
CA ALA A 123 -13.60 20.72 22.15
C ALA A 123 -13.94 21.69 23.28
N GLU A 124 -14.68 22.74 22.96
CA GLU A 124 -15.05 23.71 23.98
C GLU A 124 -16.01 23.11 24.99
N LEU A 125 -16.86 22.20 24.52
CA LEU A 125 -17.80 21.56 25.42
C LEU A 125 -17.07 20.59 26.35
N LYS A 126 -16.18 19.77 25.80
CA LYS A 126 -15.44 18.82 26.64
C LYS A 126 -14.51 19.56 27.60
N LEU A 127 -14.12 20.77 27.22
CA LEU A 127 -13.22 21.57 28.03
C LEU A 127 -13.87 22.07 29.32
N ARG A 128 -15.18 22.33 29.27
CA ARG A 128 -15.89 22.80 30.45
C ARG A 128 -16.00 21.72 31.50
N GLU A 129 -15.69 20.48 31.13
CA GLU A 129 -15.76 19.35 32.05
C GLU A 129 -14.53 19.24 32.96
N ALA A 130 -13.41 19.80 32.51
CA ALA A 130 -12.16 19.75 33.26
C ALA A 130 -12.14 20.65 34.50
N PRO A 131 -11.26 20.34 35.47
CA PRO A 131 -11.14 21.11 36.71
C PRO A 131 -10.10 22.24 36.57
N GLU B 7 13.77 -7.67 12.28
CA GLU B 7 14.47 -6.56 11.59
C GLU B 7 14.06 -6.46 10.12
N ASP B 8 14.94 -6.86 9.23
CA ASP B 8 14.65 -6.84 7.80
C ASP B 8 13.71 -7.97 7.41
N SER B 9 13.94 -9.16 7.95
CA SER B 9 13.10 -10.31 7.65
C SER B 9 11.69 -10.10 8.18
N ALA B 10 11.58 -9.47 9.35
CA ALA B 10 10.29 -9.21 9.98
C ALA B 10 9.49 -8.16 9.20
N GLU B 11 10.16 -7.09 8.82
CA GLU B 11 9.54 -6.03 8.07
C GLU B 11 9.08 -6.56 6.69
N ALA B 12 9.89 -7.43 6.10
CA ALA B 12 9.58 -8.02 4.80
C ALA B 12 8.27 -8.79 4.81
N GLU B 13 8.04 -9.55 5.87
CA GLU B 13 6.80 -10.32 5.98
C GLU B 13 5.61 -9.37 6.08
N ARG B 14 5.79 -8.28 6.83
CA ARG B 14 4.72 -7.30 6.99
C ARG B 14 4.34 -6.69 5.64
N LEU B 15 5.35 -6.36 4.85
CA LEU B 15 5.12 -5.79 3.53
C LEU B 15 4.43 -6.82 2.63
N LYS B 16 4.89 -8.07 2.70
CA LYS B 16 4.29 -9.16 1.92
C LYS B 16 2.82 -9.30 2.28
N THR B 17 2.55 -9.26 3.58
CA THR B 17 1.18 -9.38 4.08
C THR B 17 0.30 -8.28 3.53
N GLU B 18 0.86 -7.07 3.44
CA GLU B 18 0.08 -5.95 2.93
C GLU B 18 -0.09 -6.16 1.43
N GLY B 19 0.90 -6.80 0.80
CA GLY B 19 0.81 -7.09 -0.61
C GLY B 19 -0.39 -8.01 -0.82
N ASN B 20 -0.50 -9.02 0.04
CA ASN B 20 -1.62 -9.97 -0.06
C ASN B 20 -2.95 -9.24 0.09
N GLU B 21 -3.01 -8.30 1.02
CA GLU B 21 -4.23 -7.53 1.27
C GLU B 21 -4.62 -6.74 0.03
N GLN B 22 -3.62 -6.21 -0.69
CA GLN B 22 -3.89 -5.45 -1.91
C GLN B 22 -4.44 -6.37 -2.98
N MET B 23 -3.91 -7.59 -3.06
CA MET B 23 -4.38 -8.57 -4.03
C MET B 23 -5.88 -8.79 -3.83
N LYS B 24 -6.29 -8.97 -2.57
CA LYS B 24 -7.68 -9.22 -2.23
C LYS B 24 -8.63 -8.18 -2.82
N VAL B 25 -8.25 -6.91 -2.78
CA VAL B 25 -9.10 -5.86 -3.32
C VAL B 25 -8.73 -5.51 -4.76
N GLU B 26 -8.00 -6.42 -5.38
CA GLU B 26 -7.58 -6.29 -6.77
C GLU B 26 -6.75 -5.06 -7.12
N ASN B 27 -5.95 -4.57 -6.18
CA ASN B 27 -5.10 -3.43 -6.45
C ASN B 27 -3.74 -4.06 -6.76
N PHE B 28 -3.61 -4.59 -7.95
CA PHE B 28 -2.40 -5.27 -8.37
C PHE B 28 -1.15 -4.41 -8.44
N GLU B 29 -1.29 -3.13 -8.79
CA GLU B 29 -0.11 -2.28 -8.85
C GLU B 29 0.44 -2.10 -7.44
N ALA B 30 -0.45 -1.92 -6.47
CA ALA B 30 -0.03 -1.74 -5.09
C ALA B 30 0.62 -3.04 -4.60
N ALA B 31 0.01 -4.18 -4.93
CA ALA B 31 0.56 -5.46 -4.50
C ALA B 31 1.97 -5.65 -5.07
N VAL B 32 2.16 -5.32 -6.34
CA VAL B 32 3.47 -5.45 -6.95
C VAL B 32 4.48 -4.59 -6.17
N HIS B 33 4.04 -3.42 -5.74
CA HIS B 33 4.88 -2.50 -4.98
C HIS B 33 5.33 -3.10 -3.65
N PHE B 34 4.37 -3.62 -2.88
CA PHE B 34 4.70 -4.22 -1.59
C PHE B 34 5.58 -5.46 -1.69
N TYR B 35 5.28 -6.36 -2.62
CA TYR B 35 6.09 -7.56 -2.78
C TYR B 35 7.50 -7.13 -3.17
N GLY B 36 7.58 -6.08 -3.99
CA GLY B 36 8.87 -5.57 -4.40
C GLY B 36 9.69 -5.10 -3.20
N LYS B 37 9.02 -4.44 -2.25
CA LYS B 37 9.70 -3.94 -1.06
C LYS B 37 10.11 -5.11 -0.15
N ALA B 38 9.30 -6.16 -0.13
CA ALA B 38 9.61 -7.32 0.68
C ALA B 38 10.88 -7.97 0.13
N ILE B 39 10.95 -8.04 -1.20
CA ILE B 39 12.09 -8.64 -1.89
C ILE B 39 13.38 -7.85 -1.66
N GLU B 40 13.27 -6.54 -1.54
CA GLU B 40 14.44 -5.70 -1.29
C GLU B 40 15.06 -6.05 0.06
N LEU B 41 14.19 -6.30 1.03
CA LEU B 41 14.63 -6.64 2.38
C LEU B 41 15.09 -8.08 2.55
N ASN B 42 14.28 -9.02 2.06
CA ASN B 42 14.59 -10.43 2.17
C ASN B 42 14.35 -11.12 0.84
N PRO B 43 15.37 -11.13 -0.05
CA PRO B 43 15.23 -11.76 -1.36
C PRO B 43 15.31 -13.28 -1.33
N ALA B 44 15.38 -13.86 -0.14
CA ALA B 44 15.48 -15.31 0.02
C ALA B 44 14.16 -16.05 0.16
N ASN B 45 13.04 -15.34 0.06
CA ASN B 45 11.73 -15.97 0.20
C ASN B 45 11.04 -16.15 -1.16
N ALA B 46 10.98 -17.40 -1.61
CA ALA B 46 10.37 -17.73 -2.90
C ALA B 46 8.95 -17.19 -3.02
N VAL B 47 8.22 -17.18 -1.92
CA VAL B 47 6.84 -16.70 -1.92
C VAL B 47 6.65 -15.27 -2.42
N TYR B 48 7.60 -14.38 -2.12
CA TYR B 48 7.48 -12.99 -2.58
C TYR B 48 7.45 -12.94 -4.10
N PHE B 49 8.32 -13.72 -4.73
CA PHE B 49 8.42 -13.76 -6.19
C PHE B 49 7.20 -14.41 -6.80
N CYS B 50 6.76 -15.52 -6.23
CA CYS B 50 5.61 -16.23 -6.73
C CYS B 50 4.37 -15.34 -6.62
N ASN B 51 4.27 -14.61 -5.51
CA ASN B 51 3.12 -13.73 -5.31
C ASN B 51 3.16 -12.55 -6.27
N ARG B 52 4.32 -11.94 -6.45
CA ARG B 52 4.41 -10.81 -7.37
C ARG B 52 4.07 -11.29 -8.78
N ALA B 53 4.56 -12.47 -9.14
CA ALA B 53 4.25 -13.03 -10.46
C ALA B 53 2.74 -13.04 -10.67
N ALA B 54 2.00 -13.43 -9.63
CA ALA B 54 0.55 -13.46 -9.71
C ALA B 54 -0.03 -12.06 -9.97
N ALA B 55 0.55 -11.05 -9.32
CA ALA B 55 0.10 -9.67 -9.52
C ALA B 55 0.46 -9.22 -10.93
N TYR B 56 1.68 -9.56 -11.36
CA TYR B 56 2.15 -9.22 -12.70
C TYR B 56 1.24 -9.80 -13.78
N SER B 57 0.82 -11.05 -13.59
CA SER B 57 -0.06 -11.72 -14.56
C SER B 57 -1.41 -11.01 -14.65
N LYS B 58 -1.94 -10.62 -13.50
CA LYS B 58 -3.22 -9.92 -13.45
C LYS B 58 -3.13 -8.59 -14.17
N LEU B 59 -1.91 -8.05 -14.25
CA LEU B 59 -1.66 -6.78 -14.91
C LEU B 59 -1.29 -6.99 -16.38
N GLY B 60 -1.22 -8.25 -16.79
CA GLY B 60 -0.88 -8.57 -18.16
C GLY B 60 0.60 -8.56 -18.45
N ASN B 61 1.42 -8.42 -17.41
CA ASN B 61 2.87 -8.41 -17.56
C ASN B 61 3.37 -9.83 -17.38
N TYR B 62 3.05 -10.67 -18.34
CA TYR B 62 3.43 -12.08 -18.27
C TYR B 62 4.93 -12.31 -18.31
N ALA B 63 5.65 -11.49 -19.06
CA ALA B 63 7.11 -11.61 -19.12
C ALA B 63 7.66 -11.47 -17.71
N GLY B 64 7.18 -10.45 -16.99
CA GLY B 64 7.62 -10.21 -15.64
C GLY B 64 7.29 -11.37 -14.73
N ALA B 65 6.10 -11.94 -14.92
CA ALA B 65 5.67 -13.06 -14.11
C ALA B 65 6.56 -14.28 -14.34
N VAL B 66 6.95 -14.51 -15.59
CA VAL B 66 7.83 -15.63 -15.91
C VAL B 66 9.17 -15.50 -15.18
N GLN B 67 9.74 -14.30 -15.15
CA GLN B 67 11.01 -14.09 -14.49
C GLN B 67 10.90 -14.34 -12.99
N ASP B 68 9.82 -13.87 -12.37
CA ASP B 68 9.62 -14.08 -10.93
C ASP B 68 9.44 -15.56 -10.61
N CYS B 69 8.72 -16.29 -11.47
CA CYS B 69 8.50 -17.71 -11.22
C CYS B 69 9.81 -18.48 -11.38
N GLU B 70 10.67 -18.03 -12.29
CA GLU B 70 11.94 -18.71 -12.51
C GLU B 70 12.74 -18.61 -11.21
N ARG B 71 12.81 -17.39 -10.68
CA ARG B 71 13.53 -17.15 -9.44
C ARG B 71 12.95 -18.00 -8.29
N ALA B 72 11.62 -17.97 -8.14
CA ALA B 72 10.95 -18.72 -7.08
C ALA B 72 11.25 -20.21 -7.17
N ILE B 73 11.20 -20.75 -8.38
CA ILE B 73 11.47 -22.16 -8.60
C ILE B 73 12.94 -22.49 -8.30
N CYS B 74 13.83 -21.55 -8.61
CA CYS B 74 15.25 -21.74 -8.34
C CYS B 74 15.52 -21.72 -6.84
N ILE B 75 14.79 -20.85 -6.13
CA ILE B 75 14.94 -20.75 -4.67
C ILE B 75 14.38 -22.01 -4.03
N ASP B 76 13.32 -22.56 -4.60
CA ASP B 76 12.70 -23.77 -4.07
C ASP B 76 12.08 -24.61 -5.18
N PRO B 77 12.82 -25.63 -5.66
CA PRO B 77 12.38 -26.53 -6.74
C PRO B 77 11.09 -27.30 -6.44
N ALA B 78 10.65 -27.27 -5.18
CA ALA B 78 9.44 -27.99 -4.79
C ALA B 78 8.23 -27.08 -4.66
N TYR B 79 8.38 -25.82 -5.04
CA TYR B 79 7.29 -24.86 -4.95
C TYR B 79 6.31 -25.09 -6.12
N SER B 80 5.32 -25.95 -5.91
CA SER B 80 4.35 -26.26 -6.95
C SER B 80 3.61 -25.05 -7.50
N LYS B 81 3.20 -24.13 -6.63
CA LYS B 81 2.46 -22.95 -7.08
C LYS B 81 3.25 -22.10 -8.08
N ALA B 82 4.58 -22.08 -7.93
CA ALA B 82 5.42 -21.30 -8.85
C ALA B 82 5.42 -21.91 -10.24
N TYR B 83 5.37 -23.25 -10.30
CA TYR B 83 5.33 -23.96 -11.56
C TYR B 83 3.96 -23.71 -12.21
N GLY B 84 2.92 -23.70 -11.39
CA GLY B 84 1.58 -23.47 -11.88
C GLY B 84 1.45 -22.08 -12.48
N ARG B 85 1.93 -21.07 -11.77
CA ARG B 85 1.86 -19.69 -12.24
C ARG B 85 2.74 -19.51 -13.48
N MET B 86 3.82 -20.28 -13.54
CA MET B 86 4.73 -20.23 -14.68
C MET B 86 3.97 -20.72 -15.92
N GLY B 87 3.16 -21.75 -15.73
CA GLY B 87 2.40 -22.30 -16.84
C GLY B 87 1.38 -21.28 -17.33
N LEU B 88 0.69 -20.63 -16.40
CA LEU B 88 -0.29 -19.64 -16.79
C LEU B 88 0.35 -18.48 -17.56
N ALA B 89 1.49 -18.01 -17.07
CA ALA B 89 2.18 -16.90 -17.71
C ALA B 89 2.66 -17.27 -19.11
N LEU B 90 3.28 -18.45 -19.22
CA LEU B 90 3.78 -18.94 -20.50
C LEU B 90 2.64 -19.09 -21.49
N SER B 91 1.54 -19.68 -21.03
CA SER B 91 0.37 -19.89 -21.88
C SER B 91 -0.16 -18.55 -22.39
N SER B 92 -0.17 -17.54 -21.53
CA SER B 92 -0.62 -16.21 -21.92
C SER B 92 0.32 -15.58 -22.95
N LEU B 93 1.52 -16.11 -23.05
CA LEU B 93 2.51 -15.63 -24.00
C LEU B 93 2.53 -16.52 -25.23
N ASN B 94 1.58 -17.46 -25.30
CA ASN B 94 1.48 -18.41 -26.42
C ASN B 94 2.61 -19.43 -26.47
N LYS B 95 3.28 -19.63 -25.35
CA LYS B 95 4.34 -20.63 -25.29
C LYS B 95 3.69 -21.85 -24.67
N HIS B 96 2.69 -22.37 -25.39
CA HIS B 96 1.91 -23.52 -24.96
C HIS B 96 2.69 -24.79 -24.68
N VAL B 97 3.66 -25.10 -25.54
CA VAL B 97 4.47 -26.30 -25.34
C VAL B 97 5.15 -26.21 -23.97
N GLU B 98 5.86 -25.11 -23.76
CA GLU B 98 6.56 -24.87 -22.50
C GLU B 98 5.58 -24.86 -21.32
N ALA B 99 4.42 -24.26 -21.53
CA ALA B 99 3.42 -24.17 -20.48
C ALA B 99 2.97 -25.55 -20.02
N VAL B 100 2.69 -26.42 -20.98
CA VAL B 100 2.26 -27.78 -20.68
C VAL B 100 3.29 -28.47 -19.79
N ALA B 101 4.57 -28.29 -20.11
CA ALA B 101 5.64 -28.89 -19.33
C ALA B 101 5.57 -28.44 -17.86
N TYR B 102 5.37 -27.14 -17.64
CA TYR B 102 5.29 -26.63 -16.27
C TYR B 102 4.02 -27.07 -15.54
N TYR B 103 2.89 -27.11 -16.24
CA TYR B 103 1.65 -27.54 -15.59
C TYR B 103 1.80 -28.99 -15.14
N LYS B 104 2.48 -29.79 -15.94
CA LYS B 104 2.67 -31.19 -15.58
C LYS B 104 3.56 -31.33 -14.35
N LYS B 105 4.63 -30.54 -14.27
CA LYS B 105 5.51 -30.60 -13.13
C LYS B 105 4.73 -30.15 -11.90
N ALA B 106 3.94 -29.09 -12.06
CA ALA B 106 3.13 -28.57 -10.97
C ALA B 106 2.19 -29.66 -10.46
N LEU B 107 1.54 -30.36 -11.38
CA LEU B 107 0.61 -31.43 -11.02
C LEU B 107 1.29 -32.61 -10.37
N GLU B 108 2.52 -32.88 -10.81
CA GLU B 108 3.31 -33.97 -10.25
C GLU B 108 3.59 -33.68 -8.78
N LEU B 109 3.67 -32.39 -8.44
CA LEU B 109 3.95 -31.97 -7.08
C LEU B 109 2.64 -31.82 -6.31
N ASP B 110 1.58 -31.49 -7.04
CA ASP B 110 0.27 -31.32 -6.45
C ASP B 110 -0.77 -31.90 -7.41
N PRO B 111 -0.99 -33.23 -7.35
CA PRO B 111 -1.92 -34.02 -8.16
C PRO B 111 -3.41 -33.68 -8.11
N ASP B 112 -3.90 -33.30 -6.94
CA ASP B 112 -5.31 -33.00 -6.76
C ASP B 112 -5.80 -31.68 -7.36
N ASN B 113 -4.87 -30.73 -7.52
CA ASN B 113 -5.19 -29.40 -8.03
C ASN B 113 -5.98 -29.36 -9.34
N GLU B 114 -7.18 -28.78 -9.29
CA GLU B 114 -8.05 -28.69 -10.46
C GLU B 114 -7.70 -27.50 -11.34
N THR B 115 -7.14 -26.45 -10.72
CA THR B 115 -6.74 -25.26 -11.46
C THR B 115 -5.71 -25.62 -12.52
N TYR B 116 -4.75 -26.46 -12.13
CA TYR B 116 -3.69 -26.89 -13.03
C TYR B 116 -4.22 -27.80 -14.13
N LYS B 117 -5.09 -28.73 -13.74
CA LYS B 117 -5.68 -29.66 -14.68
C LYS B 117 -6.43 -28.91 -15.78
N SER B 118 -7.20 -27.90 -15.36
CA SER B 118 -7.99 -27.10 -16.30
C SER B 118 -7.09 -26.30 -17.26
N ASN B 119 -6.20 -25.50 -16.69
CA ASN B 119 -5.29 -24.68 -17.49
C ASN B 119 -4.39 -25.54 -18.38
N LEU B 120 -4.12 -26.76 -17.94
CA LEU B 120 -3.30 -27.66 -18.74
C LEU B 120 -4.11 -28.00 -20.00
N LYS B 121 -5.36 -28.37 -19.80
CA LYS B 121 -6.26 -28.71 -20.90
C LYS B 121 -6.31 -27.56 -21.91
N ILE B 122 -6.43 -26.35 -21.38
CA ILE B 122 -6.48 -25.12 -22.17
C ILE B 122 -5.22 -24.96 -23.02
N ALA B 123 -4.08 -25.27 -22.41
CA ALA B 123 -2.80 -25.16 -23.10
C ALA B 123 -2.70 -26.22 -24.18
N GLU B 124 -3.09 -27.45 -23.85
CA GLU B 124 -3.03 -28.57 -24.80
C GLU B 124 -3.94 -28.30 -25.98
N LEU B 125 -5.09 -27.70 -25.69
CA LEU B 125 -6.08 -27.36 -26.70
C LEU B 125 -5.56 -26.31 -27.67
N LYS B 126 -4.96 -25.26 -27.11
CA LYS B 126 -4.41 -24.18 -27.93
C LYS B 126 -3.19 -24.65 -28.70
N LEU B 127 -2.52 -25.66 -28.17
CA LEU B 127 -1.32 -26.19 -28.77
C LEU B 127 -1.59 -26.94 -30.07
N ARG B 128 -2.73 -27.62 -30.15
CA ARG B 128 -3.05 -28.35 -31.37
C ARG B 128 -3.52 -27.41 -32.48
N GLU B 129 -2.86 -26.26 -32.57
CA GLU B 129 -3.22 -25.28 -33.58
C GLU B 129 -1.98 -24.52 -34.03
N ALA B 130 -1.01 -25.19 -34.47
#